data_2PHX
#
_entry.id   2PHX
#
_cell.length_a   56.830
_cell.length_b   83.570
_cell.length_c   122.810
_cell.angle_alpha   90.00
_cell.angle_beta   90.00
_cell.angle_gamma   90.00
#
_symmetry.space_group_name_H-M   'P 21 21 21'
#
loop_
_entity.id
_entity.type
_entity.pdbx_description
1 polymer Lectin
2 branched alpha-D-mannopyranose-(1-3)-alpha-D-mannopyranose
3 branched alpha-D-mannopyranose-(1-3)-[alpha-D-mannopyranose-(1-6)]alpha-D-mannopyranose-(1-6)-alpha-D-mannopyranose
4 non-polymer 'MANGANESE (II) ION'
5 non-polymer 'CALCIUM ION'
6 water water
#
_entity_poly.entity_id   1
_entity_poly.type   'polypeptide(L)'
_entity_poly.pdbx_seq_one_letter_code
;(PCA)DSLSFGFPTFPSDQKNLIFQGDAQIKNNAVQLTKTDSNGNPVASTVGRILFSAQVHLWEKSSSRVANFQSQFSFS
LKSPLSNGADGIAFFIAPPDTTIPSGSGGGLLGLFAPGTAQNTSANQVIAVEFDTFYAQDSNTWDPNYPHIGIDVNSIRS
VKTVKWDRRDGQSLNVLVTFNPSTRNLDVVATYSDGTRYEVSYEVDVRSVLPEWVRVGFSAASGEQYQTHTLESWSFTST
LLYTAQKKGENLALEM
;
_entity_poly.pdbx_strand_id   A,B
#
# COMPACT_ATOMS: atom_id res chain seq x y z
N ASP A 2 9.85 2.16 -3.40
CA ASP A 2 10.38 3.50 -3.35
C ASP A 2 9.21 4.49 -3.34
N SER A 3 8.09 4.09 -3.95
CA SER A 3 6.92 4.98 -3.99
CA SER A 3 6.91 4.96 -4.02
C SER A 3 5.66 4.26 -3.55
N LEU A 4 4.77 5.01 -2.92
CA LEU A 4 3.53 4.44 -2.42
C LEU A 4 2.46 5.52 -2.42
N SER A 5 1.26 5.21 -2.89
CA SER A 5 0.19 6.19 -2.82
CA SER A 5 0.16 6.19 -2.91
CA SER A 5 0.18 6.19 -2.88
C SER A 5 -1.13 5.46 -2.62
N PHE A 6 -2.06 6.11 -1.92
CA PHE A 6 -3.36 5.48 -1.68
C PHE A 6 -4.35 6.60 -1.50
N GLY A 7 -5.61 6.33 -1.86
CA GLY A 7 -6.63 7.37 -1.73
C GLY A 7 -7.95 6.83 -1.25
N PHE A 8 -8.50 7.50 -0.23
CA PHE A 8 -9.81 7.13 0.35
C PHE A 8 -10.71 8.35 0.18
N PRO A 9 -11.54 8.38 -0.88
CA PRO A 9 -12.45 9.53 -1.09
C PRO A 9 -13.52 9.54 -0.02
N THR A 10 -13.84 8.34 0.47
CA THR A 10 -14.79 8.10 1.56
C THR A 10 -14.28 6.85 2.24
N PHE A 11 -14.90 6.46 3.36
CA PHE A 11 -14.50 5.27 4.09
C PHE A 11 -15.64 4.27 4.26
N PRO A 12 -15.87 3.41 3.25
CA PRO A 12 -16.93 2.40 3.35
C PRO A 12 -16.65 1.47 4.51
N SER A 13 -17.67 0.76 4.99
CA SER A 13 -17.50 -0.13 6.12
C SER A 13 -16.55 -1.30 5.99
N ASP A 14 -16.42 -1.87 4.80
CA ASP A 14 -15.53 -3.01 4.63
CA ASP A 14 -15.53 -3.02 4.62
C ASP A 14 -14.08 -2.62 4.35
N GLN A 15 -13.34 -2.29 5.39
CA GLN A 15 -11.94 -1.90 5.26
C GLN A 15 -11.02 -3.08 5.51
N LYS A 16 -9.93 -3.16 4.76
CA LYS A 16 -8.98 -4.24 4.91
C LYS A 16 -7.58 -3.75 5.27
N ASN A 17 -7.23 -2.52 4.87
CA ASN A 17 -5.88 -1.99 5.09
C ASN A 17 -5.71 -0.95 6.20
N LEU A 18 -6.67 -0.88 7.10
CA LEU A 18 -6.57 0.07 8.21
C LEU A 18 -6.44 -0.66 9.54
N ILE A 19 -5.53 -0.18 10.36
CA ILE A 19 -5.32 -0.72 11.71
C ILE A 19 -6.10 0.25 12.62
N PHE A 20 -7.13 -0.27 13.29
CA PHE A 20 -7.94 0.57 14.20
C PHE A 20 -7.41 0.37 15.61
N GLN A 21 -7.25 1.46 16.36
CA GLN A 21 -6.78 1.37 17.74
C GLN A 21 -7.72 2.17 18.63
N GLY A 22 -7.86 1.74 19.88
CA GLY A 22 -8.78 2.47 20.75
C GLY A 22 -10.21 2.40 20.27
N ASP A 23 -10.92 3.53 20.35
CA ASP A 23 -12.33 3.60 19.98
C ASP A 23 -12.66 3.88 18.53
N ALA A 24 -11.66 3.99 17.66
CA ALA A 24 -11.93 4.32 16.26
C ALA A 24 -12.77 3.31 15.50
N GLN A 25 -13.71 3.80 14.72
CA GLN A 25 -14.50 2.91 13.89
C GLN A 25 -15.16 3.65 12.74
N ILE A 26 -15.57 2.89 11.74
CA ILE A 26 -16.22 3.44 10.59
C ILE A 26 -17.71 3.55 10.87
N LYS A 27 -18.29 4.67 10.47
CA LYS A 27 -19.72 4.94 10.62
C LYS A 27 -20.11 5.94 9.54
N ASN A 28 -21.18 5.62 8.83
CA ASN A 28 -21.68 6.48 7.78
C ASN A 28 -20.62 6.96 6.79
N ASN A 29 -19.81 6.04 6.28
CA ASN A 29 -18.78 6.37 5.30
C ASN A 29 -17.65 7.29 5.75
N ALA A 30 -17.49 7.43 7.06
CA ALA A 30 -16.41 8.26 7.61
C ALA A 30 -15.77 7.54 8.78
N VAL A 31 -14.56 7.92 9.14
CA VAL A 31 -13.94 7.29 10.29
C VAL A 31 -14.29 8.16 11.50
N GLN A 32 -14.91 7.57 12.52
CA GLN A 32 -15.22 8.32 13.75
C GLN A 32 -14.06 7.91 14.67
N LEU A 33 -13.11 8.82 14.89
CA LEU A 33 -11.96 8.49 15.71
CA LEU A 33 -11.96 8.51 15.72
C LEU A 33 -12.30 8.34 17.18
N THR A 34 -13.23 9.15 17.67
CA THR A 34 -13.64 9.08 19.07
C THR A 34 -15.05 8.52 19.20
N LYS A 35 -15.30 7.86 20.33
CA LYS A 35 -16.57 7.20 20.59
C LYS A 35 -17.81 8.10 20.55
N THR A 36 -18.90 7.56 20.02
CA THR A 36 -20.16 8.29 19.98
C THR A 36 -21.21 7.35 20.60
N ASP A 37 -22.33 7.90 21.05
CA ASP A 37 -23.37 7.04 21.61
C ASP A 37 -24.29 6.56 20.49
N SER A 38 -25.42 5.97 20.86
CA SER A 38 -26.38 5.43 19.89
C SER A 38 -26.92 6.41 18.87
N ASN A 39 -27.24 7.62 19.32
CA ASN A 39 -27.77 8.64 18.43
C ASN A 39 -26.69 9.46 17.73
N GLY A 40 -25.43 9.03 17.88
CA GLY A 40 -24.32 9.70 17.22
C GLY A 40 -23.71 10.90 17.93
N ASN A 41 -23.99 11.05 19.22
CA ASN A 41 -23.45 12.16 19.98
C ASN A 41 -22.09 11.80 20.58
N PRO A 42 -21.20 12.78 20.68
CA PRO A 42 -19.88 12.50 21.26
C PRO A 42 -19.98 12.27 22.76
N VAL A 43 -19.05 11.48 23.29
CA VAL A 43 -19.01 11.21 24.71
C VAL A 43 -17.63 11.53 25.25
N ALA A 44 -17.54 11.68 26.56
CA ALA A 44 -16.28 11.99 27.20
C ALA A 44 -15.39 10.78 27.37
N SER A 45 -14.12 11.04 27.64
CA SER A 45 -13.14 10.00 27.90
CA SER A 45 -13.14 9.99 27.91
C SER A 45 -12.98 8.93 26.81
N THR A 46 -12.49 9.34 25.66
CA THR A 46 -12.32 8.38 24.58
C THR A 46 -11.10 8.76 23.74
N VAL A 47 -10.39 7.73 23.24
CA VAL A 47 -9.22 7.94 22.39
C VAL A 47 -9.35 6.94 21.24
N GLY A 48 -8.92 7.34 20.04
CA GLY A 48 -9.02 6.41 18.91
C GLY A 48 -8.01 6.83 17.86
N ARG A 49 -7.46 5.86 17.12
CA ARG A 49 -6.47 6.18 16.08
C ARG A 49 -6.61 5.18 14.95
N ILE A 50 -6.14 5.54 13.77
CA ILE A 50 -6.10 4.58 12.66
C ILE A 50 -4.75 4.76 12.01
N LEU A 51 -4.22 3.69 11.43
CA LEU A 51 -2.94 3.76 10.72
C LEU A 51 -3.13 2.96 9.42
N PHE A 52 -2.47 3.39 8.36
CA PHE A 52 -2.56 2.60 7.13
C PHE A 52 -1.64 1.40 7.38
N SER A 53 -2.03 0.21 6.88
CA SER A 53 -1.25 -0.99 7.19
C SER A 53 0.10 -1.10 6.52
N ALA A 54 0.24 -0.63 5.28
CA ALA A 54 1.55 -0.73 4.64
C ALA A 54 2.50 0.32 5.22
N GLN A 55 3.74 -0.10 5.47
CA GLN A 55 4.77 0.79 5.99
C GLN A 55 5.29 1.67 4.90
N VAL A 56 5.63 2.91 5.25
CA VAL A 56 6.14 3.90 4.32
C VAL A 56 7.64 4.00 4.45
N HIS A 57 8.36 3.96 3.32
CA HIS A 57 9.82 4.07 3.38
C HIS A 57 10.15 5.57 3.33
N LEU A 58 10.37 6.14 4.51
CA LEU A 58 10.60 7.57 4.68
C LEU A 58 12.00 8.04 4.31
N TRP A 59 13.00 7.22 4.59
CA TRP A 59 14.36 7.57 4.20
C TRP A 59 15.16 6.28 4.11
N GLU A 60 16.26 6.33 3.36
CA GLU A 60 17.07 5.13 3.14
C GLU A 60 18.52 5.48 3.41
N LYS A 61 19.05 4.91 4.49
CA LYS A 61 20.44 5.13 4.91
C LYS A 61 21.47 4.77 3.84
N SER A 62 21.27 3.64 3.16
CA SER A 62 22.23 3.20 2.14
C SER A 62 22.37 4.10 0.91
N SER A 63 21.28 4.74 0.50
CA SER A 63 21.31 5.59 -0.69
C SER A 63 21.30 7.08 -0.42
N SER A 64 21.14 7.46 0.85
CA SER A 64 21.09 8.87 1.20
C SER A 64 19.83 9.54 0.62
N ARG A 65 18.76 8.78 0.43
CA ARG A 65 17.55 9.39 -0.11
C ARG A 65 16.57 9.66 1.02
N VAL A 66 15.70 10.65 0.81
CA VAL A 66 14.68 10.96 1.80
C VAL A 66 13.40 11.17 0.99
N ALA A 67 12.29 10.71 1.53
CA ALA A 67 11.04 10.83 0.78
C ALA A 67 10.40 12.20 0.81
N ASN A 68 9.76 12.54 -0.29
CA ASN A 68 8.96 13.75 -0.31
C ASN A 68 7.58 13.10 -0.04
N PHE A 69 6.67 13.76 0.67
CA PHE A 69 5.36 13.13 0.83
C PHE A 69 4.32 14.22 0.90
N GLN A 70 3.07 13.83 0.62
CA GLN A 70 1.96 14.75 0.65
C GLN A 70 0.77 13.99 1.21
N SER A 71 0.07 14.59 2.16
CA SER A 71 -1.10 13.97 2.77
C SER A 71 -2.23 14.99 2.68
N GLN A 72 -3.33 14.62 2.05
CA GLN A 72 -4.46 15.54 1.95
C GLN A 72 -5.62 14.88 2.67
N PHE A 73 -6.34 15.62 3.50
CA PHE A 73 -7.44 15.02 4.20
C PHE A 73 -8.43 16.10 4.61
N SER A 74 -9.62 15.65 4.98
CA SER A 74 -10.65 16.57 5.43
CA SER A 74 -10.69 16.56 5.40
CA SER A 74 -10.68 16.56 5.40
C SER A 74 -11.32 15.99 6.66
N PHE A 75 -11.71 16.84 7.59
CA PHE A 75 -12.36 16.32 8.80
C PHE A 75 -13.33 17.38 9.31
N SER A 76 -14.24 16.95 10.18
CA SER A 76 -15.18 17.90 10.80
CA SER A 76 -15.21 17.87 10.79
C SER A 76 -15.29 17.53 12.27
N LEU A 77 -15.57 18.54 13.09
CA LEU A 77 -15.70 18.36 14.53
C LEU A 77 -17.11 18.86 14.86
N LYS A 78 -17.80 18.15 15.74
CA LYS A 78 -19.16 18.57 16.09
C LYS A 78 -19.38 18.36 17.58
N SER A 79 -20.05 19.31 18.23
CA SER A 79 -20.27 19.15 19.65
C SER A 79 -21.43 19.97 20.17
N PRO A 80 -22.17 19.42 21.14
CA PRO A 80 -23.32 20.09 21.76
C PRO A 80 -22.82 21.31 22.55
N LEU A 81 -21.62 21.17 23.12
CA LEU A 81 -20.98 22.23 23.90
C LEU A 81 -20.40 23.27 22.93
N SER A 82 -19.83 24.34 23.49
CA SER A 82 -19.23 25.38 22.67
C SER A 82 -17.70 25.34 22.82
N ASN A 83 -17.23 24.50 23.73
CA ASN A 83 -15.80 24.31 23.95
C ASN A 83 -15.46 22.83 23.76
N GLY A 84 -15.67 22.32 22.54
CA GLY A 84 -15.38 20.92 22.26
C GLY A 84 -13.89 20.62 22.45
N ALA A 85 -13.58 19.37 22.79
CA ALA A 85 -12.18 18.94 23.01
C ALA A 85 -12.03 17.49 22.54
N ASP A 86 -10.80 17.02 22.34
CA ASP A 86 -9.57 17.77 22.54
C ASP A 86 -8.83 18.12 21.23
N GLY A 87 -9.11 17.36 20.18
CA GLY A 87 -8.44 17.65 18.92
C GLY A 87 -8.10 16.41 18.15
N ILE A 88 -7.67 16.63 16.91
CA ILE A 88 -7.31 15.54 16.01
C ILE A 88 -5.91 15.82 15.46
N ALA A 89 -5.17 14.76 15.17
CA ALA A 89 -3.83 14.95 14.64
C ALA A 89 -3.48 13.94 13.56
N PHE A 90 -2.79 14.42 12.54
CA PHE A 90 -2.25 13.53 11.51
C PHE A 90 -0.85 13.22 12.13
N PHE A 91 -0.42 11.96 12.13
CA PHE A 91 0.90 11.68 12.70
C PHE A 91 1.68 10.60 11.93
N ILE A 92 3.00 10.63 12.13
CA ILE A 92 3.91 9.68 11.50
C ILE A 92 4.71 9.10 12.65
N ALA A 93 4.80 7.77 12.74
CA ALA A 93 5.49 7.16 13.88
C ALA A 93 6.08 5.81 13.50
N PRO A 94 6.86 5.19 14.41
CA PRO A 94 7.46 3.87 14.10
C PRO A 94 6.28 2.94 13.85
N PRO A 95 6.46 1.91 13.02
CA PRO A 95 5.37 0.98 12.68
C PRO A 95 4.64 0.29 13.79
N ASP A 96 5.33 0.03 14.90
CA ASP A 96 4.67 -0.70 15.98
C ASP A 96 3.98 0.21 17.01
N THR A 97 3.73 1.47 16.65
CA THR A 97 3.12 2.39 17.60
C THR A 97 1.74 1.94 18.06
N THR A 98 1.46 2.16 19.35
CA THR A 98 0.17 1.86 19.94
C THR A 98 -0.19 3.02 20.87
N ILE A 99 -1.44 3.08 21.30
CA ILE A 99 -1.88 4.16 22.18
C ILE A 99 -1.14 4.06 23.51
N PRO A 100 -0.41 5.11 23.90
CA PRO A 100 0.33 5.07 25.18
C PRO A 100 -0.62 5.13 26.37
N SER A 101 -0.23 4.51 27.48
CA SER A 101 -1.08 4.52 28.68
C SER A 101 -1.23 5.95 29.18
N GLY A 102 -2.47 6.35 29.48
CA GLY A 102 -2.77 7.68 29.99
C GLY A 102 -2.64 8.82 28.99
N SER A 103 -2.69 8.50 27.69
CA SER A 103 -2.54 9.50 26.63
C SER A 103 -3.84 10.18 26.21
N GLY A 104 -4.90 10.06 27.00
CA GLY A 104 -6.15 10.69 26.65
C GLY A 104 -6.14 12.21 26.77
N GLY A 105 -7.31 12.81 26.61
CA GLY A 105 -7.44 14.25 26.75
C GLY A 105 -6.49 15.07 25.88
N GLY A 106 -5.86 16.04 26.51
CA GLY A 106 -4.93 16.92 25.80
C GLY A 106 -3.68 16.28 25.24
N LEU A 107 -3.43 15.01 25.57
CA LEU A 107 -2.26 14.36 25.03
C LEU A 107 -2.59 13.74 23.67
N LEU A 108 -3.87 13.84 23.28
CA LEU A 108 -4.34 13.43 21.96
C LEU A 108 -4.12 11.99 21.51
N GLY A 109 -3.85 11.10 22.46
CA GLY A 109 -3.61 9.71 22.11
C GLY A 109 -2.22 9.48 21.53
N LEU A 110 -1.36 10.48 21.63
CA LEU A 110 0.00 10.39 21.07
C LEU A 110 1.14 10.32 22.07
N PHE A 111 0.95 10.88 23.26
CA PHE A 111 2.03 10.89 24.24
C PHE A 111 1.61 10.37 25.59
N ALA A 112 2.58 9.82 26.31
CA ALA A 112 2.38 9.33 27.67
C ALA A 112 2.60 10.52 28.59
N PRO A 113 1.80 10.65 29.67
CA PRO A 113 1.91 11.77 30.61
C PRO A 113 3.32 12.06 31.10
N GLY A 114 4.03 11.03 31.54
CA GLY A 114 5.36 11.25 32.07
C GLY A 114 6.44 11.73 31.14
N THR A 115 6.26 11.51 29.84
CA THR A 115 7.28 11.90 28.88
C THR A 115 6.76 12.77 27.74
N ALA A 116 5.57 13.32 27.92
CA ALA A 116 4.92 14.13 26.88
C ALA A 116 5.73 15.31 26.38
N GLN A 117 6.58 15.88 27.24
CA GLN A 117 7.39 17.02 26.81
C GLN A 117 8.88 16.72 26.77
N ASN A 118 9.24 15.44 26.84
CA ASN A 118 10.64 15.01 26.80
C ASN A 118 10.95 14.59 25.35
N THR A 119 11.63 15.44 24.61
CA THR A 119 11.90 15.13 23.21
C THR A 119 12.76 13.90 22.98
N SER A 120 13.64 13.58 23.92
CA SER A 120 14.51 12.41 23.74
CA SER A 120 14.51 12.41 23.75
C SER A 120 13.77 11.10 24.00
N ALA A 121 12.57 11.17 24.57
CA ALA A 121 11.80 9.96 24.87
C ALA A 121 10.77 9.58 23.82
N ASN A 122 10.56 10.43 22.81
CA ASN A 122 9.55 10.12 21.81
C ASN A 122 10.07 10.07 20.38
N GLN A 123 9.27 9.47 19.50
CA GLN A 123 9.59 9.40 18.07
C GLN A 123 8.27 9.62 17.34
N VAL A 124 7.93 10.87 17.09
CA VAL A 124 6.69 11.13 16.40
C VAL A 124 6.71 12.52 15.85
N ILE A 125 6.07 12.66 14.70
CA ILE A 125 5.91 13.97 14.08
C ILE A 125 4.41 14.02 13.88
N ALA A 126 3.77 15.09 14.32
CA ALA A 126 2.32 15.19 14.18
C ALA A 126 1.90 16.61 13.84
N VAL A 127 0.75 16.74 13.18
CA VAL A 127 0.21 18.06 12.87
C VAL A 127 -1.11 18.01 13.63
N GLU A 128 -1.24 18.85 14.66
CA GLU A 128 -2.42 18.83 15.51
C GLU A 128 -3.40 19.96 15.23
N PHE A 129 -4.68 19.70 15.45
CA PHE A 129 -5.76 20.69 15.29
C PHE A 129 -6.34 20.62 16.68
N ASP A 130 -5.89 21.57 17.51
CA ASP A 130 -6.13 21.56 18.96
C ASP A 130 -7.18 22.57 19.37
N THR A 131 -8.30 22.11 19.89
CA THR A 131 -9.40 23.00 20.24
C THR A 131 -9.57 23.33 21.70
N PHE A 132 -8.73 22.78 22.54
CA PHE A 132 -8.89 22.99 23.98
C PHE A 132 -7.54 23.38 24.55
N TYR A 133 -7.51 24.49 25.28
CA TYR A 133 -6.24 24.99 25.77
C TYR A 133 -6.22 25.52 27.19
N ALA A 134 -7.18 25.11 28.01
CA ALA A 134 -7.22 25.57 29.41
C ALA A 134 -5.83 25.36 30.02
N GLN A 135 -5.28 26.42 30.62
CA GLN A 135 -3.94 26.35 31.17
C GLN A 135 -3.73 25.50 32.42
N ASP A 136 -4.80 25.06 33.09
CA ASP A 136 -4.59 24.23 34.26
C ASP A 136 -4.21 22.80 33.84
N SER A 137 -4.82 22.31 32.77
CA SER A 137 -4.56 20.94 32.28
C SER A 137 -3.70 20.85 31.02
N ASN A 138 -3.79 21.84 30.14
CA ASN A 138 -3.00 21.85 28.89
C ASN A 138 -1.99 22.98 29.05
N THR A 139 -1.07 22.81 29.98
CA THR A 139 -0.11 23.86 30.31
C THR A 139 0.87 24.23 29.21
N TRP A 140 1.03 23.34 28.25
CA TRP A 140 1.97 23.53 27.16
C TRP A 140 1.38 24.34 25.99
N ASP A 141 0.06 24.53 25.97
CA ASP A 141 -0.62 25.24 24.87
C ASP A 141 -0.67 26.77 24.94
N PRO A 142 -0.75 27.42 23.77
CA PRO A 142 -0.86 28.89 23.68
C PRO A 142 -2.30 29.06 24.15
N ASN A 143 -2.73 30.25 24.55
CA ASN A 143 -4.09 30.39 25.02
CA ASN A 143 -4.09 30.43 25.03
C ASN A 143 -5.17 30.73 23.98
N TYR A 144 -5.31 29.85 22.98
CA TYR A 144 -6.30 29.98 21.91
C TYR A 144 -6.26 28.71 21.07
N PRO A 145 -7.33 28.44 20.30
CA PRO A 145 -7.36 27.22 19.45
C PRO A 145 -6.23 27.39 18.46
N HIS A 146 -5.61 26.29 18.03
CA HIS A 146 -4.47 26.43 17.14
C HIS A 146 -4.16 25.18 16.34
N ILE A 147 -3.41 25.36 15.27
CA ILE A 147 -2.90 24.23 14.50
C ILE A 147 -1.44 24.21 14.94
N GLY A 148 -0.86 23.04 15.20
CA GLY A 148 0.52 23.06 15.62
C GLY A 148 1.30 21.90 15.01
N ILE A 149 2.60 22.09 14.86
CA ILE A 149 3.45 21.03 14.35
C ILE A 149 4.17 20.50 15.60
N ASP A 150 4.04 19.20 15.86
CA ASP A 150 4.63 18.58 17.05
C ASP A 150 5.77 17.66 16.64
N VAL A 151 6.95 17.88 17.22
CA VAL A 151 8.08 17.03 16.92
C VAL A 151 8.60 16.49 18.25
N ASN A 152 8.22 15.25 18.56
CA ASN A 152 8.60 14.54 19.78
C ASN A 152 8.10 15.15 21.07
N SER A 153 7.11 16.03 21.00
CA SER A 153 6.59 16.66 22.21
C SER A 153 5.19 17.21 22.00
N ILE A 154 4.37 17.22 23.04
CA ILE A 154 3.02 17.76 22.91
C ILE A 154 3.10 19.30 22.87
N ARG A 155 4.26 19.85 23.22
CA ARG A 155 4.44 21.31 23.17
C ARG A 155 4.95 21.59 21.76
N SER A 156 4.05 22.05 20.91
CA SER A 156 4.37 22.30 19.49
C SER A 156 5.58 23.19 19.28
N VAL A 157 6.39 22.85 18.27
CA VAL A 157 7.53 23.68 17.95
C VAL A 157 7.06 24.94 17.22
N LYS A 158 5.87 24.87 16.63
CA LYS A 158 5.34 26.02 15.90
C LYS A 158 3.82 25.95 15.88
N THR A 159 3.12 27.07 16.10
CA THR A 159 1.66 27.06 16.05
C THR A 159 1.12 28.26 15.28
N VAL A 160 -0.14 28.17 14.86
CA VAL A 160 -0.79 29.32 14.22
C VAL A 160 -2.19 29.36 14.83
N LYS A 161 -2.70 30.55 15.12
CA LYS A 161 -4.03 30.63 15.67
C LYS A 161 -5.03 30.10 14.63
N TRP A 162 -6.01 29.35 15.12
CA TRP A 162 -6.99 28.74 14.25
C TRP A 162 -8.41 28.92 14.82
N ASP A 163 -9.42 28.83 13.95
CA ASP A 163 -10.80 28.97 14.41
C ASP A 163 -11.53 27.63 14.26
N ARG A 164 -12.15 27.17 15.33
CA ARG A 164 -12.92 25.92 15.26
C ARG A 164 -14.32 26.30 14.76
N ARG A 165 -14.86 25.56 13.80
CA ARG A 165 -16.20 25.86 13.31
C ARG A 165 -16.98 24.56 13.42
N ASP A 166 -17.96 24.55 14.31
CA ASP A 166 -18.74 23.34 14.52
C ASP A 166 -19.39 22.82 13.24
N GLY A 167 -19.18 21.53 12.96
CA GLY A 167 -19.79 20.93 11.78
C GLY A 167 -19.28 21.27 10.40
N GLN A 168 -18.27 22.13 10.25
CA GLN A 168 -17.75 22.49 8.93
CA GLN A 168 -17.76 22.48 8.93
C GLN A 168 -16.48 21.71 8.63
N SER A 169 -16.38 21.15 7.43
CA SER A 169 -15.19 20.38 7.07
C SER A 169 -13.98 21.28 6.79
N LEU A 170 -12.82 20.88 7.30
CA LEU A 170 -11.59 21.63 7.06
C LEU A 170 -10.76 20.76 6.12
N ASN A 171 -10.31 21.34 5.02
CA ASN A 171 -9.49 20.61 4.05
CA ASN A 171 -9.50 20.61 4.05
C ASN A 171 -8.05 20.93 4.37
N VAL A 172 -7.23 19.88 4.50
CA VAL A 172 -5.84 20.07 4.86
C VAL A 172 -4.87 19.45 3.89
N LEU A 173 -3.78 20.17 3.61
CA LEU A 173 -2.72 19.63 2.76
C LEU A 173 -1.45 19.69 3.61
N VAL A 174 -0.79 18.57 3.82
CA VAL A 174 0.49 18.55 4.57
C VAL A 174 1.52 18.05 3.58
N THR A 175 2.61 18.80 3.43
CA THR A 175 3.65 18.39 2.48
CA THR A 175 3.65 18.42 2.47
C THR A 175 5.02 18.46 3.12
N PHE A 176 5.89 17.54 2.73
CA PHE A 176 7.24 17.56 3.26
C PHE A 176 8.15 17.51 2.04
N ASN A 177 9.06 18.48 1.94
CA ASN A 177 9.98 18.54 0.81
C ASN A 177 11.40 18.26 1.37
N PRO A 178 12.02 17.13 0.98
CA PRO A 178 13.37 16.81 1.49
C PRO A 178 14.49 17.73 1.02
N SER A 179 14.25 18.41 -0.08
CA SER A 179 15.22 19.35 -0.64
C SER A 179 15.39 20.53 0.31
N THR A 180 14.27 21.08 0.78
CA THR A 180 14.28 22.22 1.71
C THR A 180 14.07 21.84 3.18
N ARG A 181 13.67 20.58 3.42
CA ARG A 181 13.37 20.07 4.76
C ARG A 181 12.18 20.77 5.40
N ASN A 182 11.36 21.41 4.59
CA ASN A 182 10.19 22.12 5.07
CA ASN A 182 10.19 22.12 5.09
C ASN A 182 8.94 21.25 5.15
N LEU A 183 8.33 21.19 6.33
CA LEU A 183 7.08 20.46 6.52
CA LEU A 183 7.08 20.46 6.51
C LEU A 183 6.06 21.61 6.49
N ASP A 184 5.21 21.62 5.48
CA ASP A 184 4.25 22.69 5.33
CA ASP A 184 4.23 22.70 5.30
C ASP A 184 2.81 22.23 5.51
N VAL A 185 2.01 23.08 6.17
CA VAL A 185 0.60 22.78 6.43
C VAL A 185 -0.28 23.91 5.93
N VAL A 186 -1.27 23.58 5.11
CA VAL A 186 -2.21 24.57 4.60
C VAL A 186 -3.61 23.99 4.90
N ALA A 187 -4.43 24.74 5.62
CA ALA A 187 -5.77 24.26 5.97
C ALA A 187 -6.76 25.31 5.50
N THR A 188 -7.87 24.87 4.89
CA THR A 188 -8.84 25.83 4.41
CA THR A 188 -8.85 25.82 4.39
C THR A 188 -10.29 25.41 4.65
N TYR A 189 -11.14 26.38 4.96
CA TYR A 189 -12.58 26.07 5.12
C TYR A 189 -13.17 26.34 3.71
N SER A 190 -14.39 25.89 3.46
CA SER A 190 -14.98 26.05 2.13
C SER A 190 -15.15 27.48 1.67
N ASP A 191 -15.23 28.43 2.60
CA ASP A 191 -15.39 29.83 2.21
C ASP A 191 -14.06 30.49 1.83
N GLY A 192 -12.99 29.71 1.82
CA GLY A 192 -11.68 30.25 1.47
C GLY A 192 -10.81 30.70 2.65
N THR A 193 -11.32 30.62 3.86
CA THR A 193 -10.53 31.03 5.01
C THR A 193 -9.37 30.06 5.10
N ARG A 194 -8.16 30.60 5.15
CA ARG A 194 -6.96 29.79 5.09
C ARG A 194 -5.97 29.96 6.26
N TYR A 195 -5.33 28.87 6.64
CA TYR A 195 -4.34 28.92 7.74
C TYR A 195 -3.11 28.20 7.26
N GLU A 196 -1.94 28.73 7.58
CA GLU A 196 -0.71 28.09 7.15
C GLU A 196 0.33 28.09 8.25
N VAL A 197 1.07 26.99 8.35
CA VAL A 197 2.14 26.91 9.32
CA VAL A 197 2.14 26.86 9.33
C VAL A 197 3.18 25.96 8.73
N SER A 198 4.45 26.26 8.97
CA SER A 198 5.53 25.43 8.44
CA SER A 198 5.54 25.47 8.43
CA SER A 198 5.54 25.48 8.40
C SER A 198 6.69 25.39 9.41
N TYR A 199 7.51 24.36 9.26
CA TYR A 199 8.66 24.19 10.14
C TYR A 199 9.71 23.38 9.40
N GLU A 200 10.99 23.69 9.64
CA GLU A 200 12.06 22.95 8.99
C GLU A 200 12.44 21.80 9.92
N VAL A 201 12.42 20.57 9.41
CA VAL A 201 12.76 19.42 10.22
CA VAL A 201 12.72 19.39 10.21
C VAL A 201 13.47 18.34 9.40
N ASP A 202 14.54 17.79 9.96
CA ASP A 202 15.29 16.74 9.26
C ASP A 202 14.63 15.47 9.77
N VAL A 203 13.75 14.88 8.99
CA VAL A 203 13.06 13.68 9.43
CA VAL A 203 13.06 13.69 9.46
C VAL A 203 14.00 12.54 9.78
N ARG A 204 15.18 12.51 9.16
CA ARG A 204 16.13 11.43 9.43
C ARG A 204 16.62 11.37 10.88
N SER A 205 16.59 12.51 11.58
CA SER A 205 17.05 12.50 12.97
C SER A 205 15.93 12.30 13.99
N VAL A 206 14.69 12.14 13.51
CA VAL A 206 13.55 11.97 14.40
CA VAL A 206 13.55 11.97 14.40
C VAL A 206 12.88 10.61 14.26
N LEU A 207 12.77 10.13 13.03
CA LEU A 207 12.11 8.87 12.80
C LEU A 207 12.97 7.80 12.14
N PRO A 208 12.56 6.53 12.26
CA PRO A 208 13.29 5.42 11.66
C PRO A 208 13.03 5.44 10.14
N GLU A 209 13.77 4.63 9.41
CA GLU A 209 13.63 4.58 7.95
C GLU A 209 12.24 4.18 7.48
N TRP A 210 11.60 3.26 8.20
CA TRP A 210 10.26 2.82 7.85
C TRP A 210 9.29 3.27 8.94
N VAL A 211 8.14 3.80 8.52
CA VAL A 211 7.16 4.33 9.48
C VAL A 211 5.74 3.97 9.08
N ARG A 212 4.78 4.27 9.96
CA ARG A 212 3.39 4.14 9.57
C ARG A 212 2.77 5.53 9.73
N VAL A 213 1.73 5.85 8.95
CA VAL A 213 1.10 7.16 9.01
C VAL A 213 -0.35 6.98 9.38
N GLY A 214 -0.93 7.96 10.06
CA GLY A 214 -2.33 7.80 10.44
C GLY A 214 -2.87 9.02 11.15
N PHE A 215 -3.93 8.80 11.92
CA PHE A 215 -4.59 9.89 12.64
C PHE A 215 -4.93 9.47 14.06
N SER A 216 -4.99 10.45 14.96
CA SER A 216 -5.31 10.16 16.34
C SER A 216 -6.23 11.29 16.83
N ALA A 217 -7.12 10.97 17.76
CA ALA A 217 -7.99 12.01 18.34
C ALA A 217 -8.40 11.53 19.72
N ALA A 218 -8.76 12.48 20.57
CA ALA A 218 -9.15 12.13 21.93
C ALA A 218 -10.07 13.19 22.48
N SER A 219 -10.84 12.80 23.49
CA SER A 219 -11.72 13.71 24.22
C SER A 219 -11.53 13.31 25.70
N GLY A 220 -11.26 14.31 26.56
CA GLY A 220 -11.13 14.06 27.99
C GLY A 220 -12.48 14.37 28.62
N GLU A 221 -12.54 15.34 29.53
CA GLU A 221 -13.82 15.71 30.15
C GLU A 221 -14.74 16.46 29.20
N GLN A 222 -14.15 17.23 28.28
CA GLN A 222 -14.90 17.99 27.28
C GLN A 222 -14.83 17.10 26.04
N TYR A 223 -15.81 17.22 25.14
CA TYR A 223 -15.84 16.31 24.01
C TYR A 223 -16.47 16.87 22.73
N GLN A 224 -16.21 16.16 21.62
CA GLN A 224 -16.72 16.52 20.31
C GLN A 224 -16.38 15.30 19.44
N THR A 225 -17.07 15.16 18.32
CA THR A 225 -16.75 14.07 17.43
C THR A 225 -15.52 14.52 16.64
N HIS A 226 -14.72 13.56 16.17
CA HIS A 226 -13.54 13.87 15.34
C HIS A 226 -13.75 12.96 14.13
N THR A 227 -14.40 13.52 13.12
CA THR A 227 -14.79 12.74 11.95
C THR A 227 -13.84 12.93 10.78
N LEU A 228 -13.13 11.85 10.40
CA LEU A 228 -12.20 11.94 9.28
C LEU A 228 -13.01 11.55 8.04
N GLU A 229 -13.13 12.46 7.09
CA GLU A 229 -13.99 12.25 5.93
C GLU A 229 -13.34 11.73 4.65
N SER A 230 -12.08 12.08 4.45
CA SER A 230 -11.37 11.64 3.24
CA SER A 230 -11.37 11.67 3.23
C SER A 230 -9.87 11.74 3.51
N TRP A 231 -9.08 10.99 2.77
CA TRP A 231 -7.65 11.01 3.00
C TRP A 231 -6.88 10.41 1.81
N SER A 232 -5.88 11.14 1.33
CA SER A 232 -5.05 10.66 0.24
CA SER A 232 -5.05 10.68 0.24
CA SER A 232 -5.04 10.68 0.24
C SER A 232 -3.60 10.87 0.68
N PHE A 233 -2.72 9.95 0.26
CA PHE A 233 -1.32 10.07 0.67
C PHE A 233 -0.42 9.61 -0.44
N THR A 234 0.71 10.27 -0.61
CA THR A 234 1.68 9.83 -1.62
CA THR A 234 1.67 9.86 -1.63
C THR A 234 3.07 10.13 -1.10
N SER A 235 3.99 9.19 -1.31
CA SER A 235 5.37 9.36 -0.88
CA SER A 235 5.37 9.40 -0.90
C SER A 235 6.29 8.82 -1.96
N THR A 236 7.42 9.49 -2.19
CA THR A 236 8.38 9.05 -3.21
C THR A 236 9.79 9.31 -2.70
N LEU A 237 10.67 8.30 -2.71
CA LEU A 237 12.05 8.53 -2.26
C LEU A 237 12.81 9.32 -3.33
N LEU A 238 13.45 10.42 -2.94
CA LEU A 238 14.21 11.26 -3.87
C LEU A 238 15.64 11.54 -3.39
N TYR A 239 16.56 11.71 -4.33
CA TYR A 239 17.95 12.02 -4.01
C TYR A 239 18.06 13.53 -3.78
N THR A 240 18.75 13.94 -2.74
CA THR A 240 18.92 15.37 -2.46
C THR A 240 20.30 15.65 -1.87
N ASP B 2 -9.84 3.40 -2.56
CA ASP B 2 -10.37 3.22 -3.90
C ASP B 2 -9.17 3.16 -4.85
N SER B 3 -8.07 3.81 -4.49
CA SER B 3 -6.88 3.82 -5.34
CA SER B 3 -6.87 3.84 -5.33
C SER B 3 -5.64 3.40 -4.57
N LEU B 4 -4.74 2.69 -5.24
CA LEU B 4 -3.52 2.22 -4.58
C LEU B 4 -2.43 2.09 -5.63
N SER B 5 -1.23 2.53 -5.32
CA SER B 5 -0.12 2.39 -6.27
CA SER B 5 -0.11 2.44 -6.27
CA SER B 5 -0.12 2.44 -6.27
C SER B 5 1.17 2.22 -5.51
N PHE B 6 2.11 1.48 -6.12
CA PHE B 6 3.40 1.28 -5.45
C PHE B 6 4.38 0.96 -6.54
N GLY B 7 5.65 1.33 -6.30
CA GLY B 7 6.67 1.08 -7.29
C GLY B 7 7.96 0.58 -6.68
N PHE B 8 8.49 -0.50 -7.26
CA PHE B 8 9.77 -1.07 -6.83
C PHE B 8 10.72 -1.01 -8.03
N PRO B 9 11.49 0.07 -8.18
CA PRO B 9 12.43 0.13 -9.32
C PRO B 9 13.49 -0.98 -9.21
N THR B 10 13.77 -1.35 -7.96
CA THR B 10 14.69 -2.44 -7.59
CA THR B 10 14.71 -2.40 -7.58
C THR B 10 14.14 -2.99 -6.29
N PHE B 11 14.74 -4.09 -5.79
CA PHE B 11 14.32 -4.71 -4.55
C PHE B 11 15.43 -4.83 -3.50
N PRO B 12 15.64 -3.77 -2.71
CA PRO B 12 16.69 -3.80 -1.67
C PRO B 12 16.35 -4.85 -0.61
N SER B 13 17.36 -5.36 0.08
CA SER B 13 17.14 -6.40 1.09
C SER B 13 16.18 -6.06 2.22
N ASP B 14 16.10 -4.79 2.56
CA ASP B 14 15.25 -4.34 3.65
CA ASP B 14 15.23 -4.35 3.66
C ASP B 14 13.78 -4.15 3.25
N GLN B 15 13.03 -5.25 3.12
CA GLN B 15 11.62 -5.18 2.71
C GLN B 15 10.67 -5.30 3.88
N LYS B 16 9.59 -4.53 3.84
CA LYS B 16 8.60 -4.58 4.89
C LYS B 16 7.20 -4.92 4.41
N ASN B 17 6.89 -4.59 3.15
CA ASN B 17 5.55 -4.82 2.63
C ASN B 17 5.38 -6.00 1.65
N LEU B 18 6.33 -6.93 1.66
CA LEU B 18 6.21 -8.11 0.80
C LEU B 18 6.00 -9.34 1.67
N ILE B 19 5.08 -10.19 1.24
CA ILE B 19 4.82 -11.45 1.94
C ILE B 19 5.62 -12.47 1.12
N PHE B 20 6.56 -13.15 1.76
CA PHE B 20 7.37 -14.14 1.04
C PHE B 20 6.83 -15.52 1.33
N GLN B 21 6.67 -16.33 0.28
CA GLN B 21 6.17 -17.68 0.48
C GLN B 21 7.11 -18.67 -0.17
N GLY B 22 7.25 -19.84 0.44
CA GLY B 22 8.15 -20.81 -0.15
C GLY B 22 9.59 -20.40 -0.10
N ASP B 23 10.30 -20.60 -1.21
CA ASP B 23 11.73 -20.29 -1.30
C ASP B 23 12.09 -18.88 -1.73
N ALA B 24 11.08 -18.05 -2.00
CA ALA B 24 11.38 -16.71 -2.47
C ALA B 24 12.20 -15.86 -1.48
N GLN B 25 13.19 -15.16 -2.00
CA GLN B 25 13.98 -14.27 -1.17
C GLN B 25 14.67 -13.22 -2.01
N ILE B 26 15.08 -12.13 -1.36
CA ILE B 26 15.78 -11.10 -2.09
C ILE B 26 17.28 -11.36 -2.08
N LYS B 27 17.90 -11.20 -3.25
CA LYS B 27 19.34 -11.34 -3.41
C LYS B 27 19.77 -10.39 -4.51
N ASN B 28 20.87 -9.67 -4.27
CA ASN B 28 21.39 -8.74 -5.26
C ASN B 28 20.36 -7.76 -5.81
N ASN B 29 19.53 -7.21 -4.92
CA ASN B 29 18.54 -6.21 -5.30
C ASN B 29 17.43 -6.68 -6.22
N ALA B 30 17.22 -7.99 -6.27
CA ALA B 30 16.14 -8.54 -7.08
C ALA B 30 15.48 -9.62 -6.25
N VAL B 31 14.28 -10.03 -6.64
CA VAL B 31 13.65 -11.11 -5.92
C VAL B 31 13.98 -12.40 -6.69
N GLN B 32 14.54 -13.38 -5.99
CA GLN B 32 14.83 -14.68 -6.60
C GLN B 32 13.64 -15.50 -6.15
N LEU B 33 12.69 -15.77 -7.05
CA LEU B 33 11.51 -16.53 -6.64
C LEU B 33 11.83 -17.98 -6.32
N THR B 34 12.72 -18.59 -7.11
CA THR B 34 13.11 -19.97 -6.87
C THR B 34 14.50 -20.05 -6.24
N LYS B 35 14.72 -21.11 -5.48
CA LYS B 35 15.98 -21.27 -4.76
C LYS B 35 17.23 -21.36 -5.61
N THR B 36 18.32 -20.78 -5.12
CA THR B 36 19.59 -20.85 -5.82
C THR B 36 20.61 -21.32 -4.76
N ASP B 37 21.65 -22.02 -5.18
CA ASP B 37 22.66 -22.46 -4.23
C ASP B 37 23.59 -21.30 -3.88
N SER B 38 24.68 -21.60 -3.18
CA SER B 38 25.66 -20.59 -2.76
C SER B 38 26.22 -19.78 -3.91
N ASN B 39 26.46 -20.44 -5.05
CA ASN B 39 27.01 -19.77 -6.23
C ASN B 39 25.95 -19.08 -7.11
N GLY B 40 24.71 -19.00 -6.64
CA GLY B 40 23.66 -18.35 -7.41
C GLY B 40 23.10 -19.19 -8.56
N ASN B 41 23.40 -20.48 -8.57
CA ASN B 41 22.91 -21.35 -9.62
C ASN B 41 21.58 -21.94 -9.20
N PRO B 42 20.70 -22.17 -10.18
CA PRO B 42 19.37 -22.73 -9.89
C PRO B 42 19.43 -24.22 -9.52
N VAL B 43 18.48 -24.64 -8.71
CA VAL B 43 18.38 -26.03 -8.28
C VAL B 43 16.99 -26.54 -8.54
N ALA B 44 16.84 -27.84 -8.56
CA ALA B 44 15.55 -28.43 -8.80
C ALA B 44 14.65 -28.45 -7.57
N SER B 45 13.38 -28.72 -7.82
CA SER B 45 12.36 -28.87 -6.78
CA SER B 45 12.38 -28.88 -6.77
C SER B 45 12.20 -27.68 -5.85
N THR B 46 11.82 -26.55 -6.42
CA THR B 46 11.65 -25.35 -5.61
C THR B 46 10.45 -24.55 -6.11
N VAL B 47 9.81 -23.86 -5.19
CA VAL B 47 8.65 -23.03 -5.49
CA VAL B 47 8.66 -23.03 -5.50
CA VAL B 47 8.66 -23.03 -5.50
C VAL B 47 8.74 -21.82 -4.59
N GLY B 48 8.34 -20.66 -5.11
CA GLY B 48 8.39 -19.45 -4.29
C GLY B 48 7.43 -18.43 -4.86
N ARG B 49 6.87 -17.58 -4.00
CA ARG B 49 5.92 -16.55 -4.44
C ARG B 49 6.12 -15.34 -3.55
N ILE B 50 5.73 -14.17 -4.05
CA ILE B 50 5.71 -12.99 -3.20
C ILE B 50 4.36 -12.34 -3.46
N LEU B 51 3.85 -11.62 -2.47
CA LEU B 51 2.59 -10.92 -2.60
CA LEU B 51 2.60 -10.90 -2.62
C LEU B 51 2.78 -9.54 -1.98
N PHE B 52 2.11 -8.52 -2.51
CA PHE B 52 2.24 -7.20 -1.86
C PHE B 52 1.30 -7.34 -0.65
N SER B 53 1.72 -6.80 0.49
CA SER B 53 0.94 -6.93 1.71
CA SER B 53 0.95 -6.90 1.73
C SER B 53 -0.42 -6.23 1.73
N ALA B 54 -0.52 -5.01 1.21
CA ALA B 54 -1.83 -4.35 1.21
C ALA B 54 -2.80 -4.99 0.22
N GLN B 55 -4.04 -5.16 0.65
CA GLN B 55 -5.05 -5.76 -0.23
C GLN B 55 -5.54 -4.73 -1.24
N VAL B 56 -5.83 -5.20 -2.46
CA VAL B 56 -6.30 -4.33 -3.54
C VAL B 56 -7.81 -4.43 -3.65
N HIS B 57 -8.50 -3.29 -3.75
CA HIS B 57 -9.95 -3.34 -3.90
C HIS B 57 -10.23 -3.44 -5.39
N LEU B 58 -10.47 -4.67 -5.85
CA LEU B 58 -10.69 -4.97 -7.27
C LEU B 58 -12.06 -4.56 -7.78
N TRP B 59 -13.10 -4.81 -6.98
CA TRP B 59 -14.43 -4.37 -7.40
C TRP B 59 -15.28 -4.17 -6.16
N GLU B 60 -16.37 -3.42 -6.31
CA GLU B 60 -17.21 -3.11 -5.15
C GLU B 60 -18.67 -3.33 -5.50
N LYS B 61 -19.25 -4.38 -4.92
CA LYS B 61 -20.64 -4.73 -5.20
C LYS B 61 -21.60 -3.56 -4.96
N SER B 62 -21.49 -2.95 -3.79
CA SER B 62 -22.38 -1.85 -3.42
C SER B 62 -22.36 -0.62 -4.33
N SER B 63 -21.28 -0.41 -5.08
CA SER B 63 -21.24 0.76 -5.93
C SER B 63 -21.16 0.45 -7.42
N SER B 64 -21.21 -0.83 -7.77
CA SER B 64 -21.13 -1.20 -9.18
C SER B 64 -19.83 -0.68 -9.85
N ARG B 65 -18.73 -0.61 -9.09
CA ARG B 65 -17.46 -0.16 -9.67
C ARG B 65 -16.49 -1.34 -9.80
N VAL B 66 -15.56 -1.23 -10.73
CA VAL B 66 -14.55 -2.27 -10.97
C VAL B 66 -13.25 -1.51 -11.24
N ALA B 67 -12.14 -2.03 -10.75
CA ALA B 67 -10.89 -1.34 -10.93
C ALA B 67 -10.25 -1.41 -12.30
N ASN B 68 -9.61 -0.30 -12.66
CA ASN B 68 -8.78 -0.23 -13.85
C ASN B 68 -7.39 -0.48 -13.18
N PHE B 69 -6.60 -1.47 -13.62
CA PHE B 69 -5.27 -1.62 -12.99
C PHE B 69 -4.22 -1.84 -14.04
N GLN B 70 -2.96 -1.52 -13.67
CA GLN B 70 -1.83 -1.73 -14.60
C GLN B 70 -0.69 -2.27 -13.75
N SER B 71 0.00 -3.29 -14.26
CA SER B 71 1.11 -3.86 -13.55
C SER B 71 2.27 -3.90 -14.56
N GLN B 72 3.39 -3.23 -14.25
CA GLN B 72 4.54 -3.23 -15.15
C GLN B 72 5.67 -3.93 -14.41
N PHE B 73 6.37 -4.88 -15.05
CA PHE B 73 7.44 -5.54 -14.34
C PHE B 73 8.46 -6.10 -15.32
N SER B 74 9.62 -6.44 -14.82
CA SER B 74 10.67 -7.02 -15.66
CA SER B 74 10.69 -7.01 -15.64
CA SER B 74 10.70 -6.99 -15.64
C SER B 74 11.28 -8.21 -14.92
N PHE B 75 11.64 -9.22 -15.68
CA PHE B 75 12.24 -10.43 -15.08
C PHE B 75 13.21 -11.05 -16.09
N SER B 76 14.07 -11.92 -15.58
CA SER B 76 15.01 -12.62 -16.45
CA SER B 76 15.04 -12.62 -16.42
C SER B 76 15.09 -14.05 -15.93
N LEU B 77 15.39 -14.96 -16.84
CA LEU B 77 15.50 -16.37 -16.51
C LEU B 77 16.87 -16.84 -16.98
N LYS B 78 17.52 -17.70 -16.22
CA LYS B 78 18.85 -18.17 -16.61
C LYS B 78 18.98 -19.64 -16.20
N SER B 79 19.55 -20.45 -17.10
CA SER B 79 19.75 -21.86 -16.77
C SER B 79 20.85 -22.45 -17.65
N PRO B 80 21.70 -23.31 -17.08
CA PRO B 80 22.74 -23.92 -17.91
C PRO B 80 22.13 -25.06 -18.73
N LEU B 81 20.94 -25.51 -18.35
CA LEU B 81 20.27 -26.59 -19.10
C LEU B 81 19.67 -26.11 -20.42
N SER B 82 19.44 -27.04 -21.34
CA SER B 82 18.82 -26.69 -22.61
C SER B 82 17.28 -26.55 -22.43
N ASN B 83 16.75 -27.09 -21.34
CA ASN B 83 15.31 -27.01 -21.15
C ASN B 83 14.93 -26.46 -19.78
N GLY B 84 15.32 -25.21 -19.51
CA GLY B 84 15.02 -24.60 -18.22
C GLY B 84 13.52 -24.59 -17.94
N ALA B 85 13.17 -24.81 -16.67
CA ALA B 85 11.78 -24.92 -16.23
C ALA B 85 11.59 -24.28 -14.87
N ASP B 86 10.35 -23.95 -14.47
CA ASP B 86 9.11 -24.15 -15.23
C ASP B 86 8.46 -22.87 -15.73
N GLY B 87 8.74 -21.76 -15.06
CA GLY B 87 8.15 -20.52 -15.52
C GLY B 87 7.78 -19.60 -14.37
N ILE B 88 7.39 -18.39 -14.73
CA ILE B 88 7.03 -17.40 -13.74
C ILE B 88 5.67 -16.84 -14.09
N ALA B 89 4.89 -16.47 -13.08
CA ALA B 89 3.58 -15.89 -13.36
C ALA B 89 3.26 -14.71 -12.48
N PHE B 90 2.57 -13.71 -13.06
CA PHE B 90 2.03 -12.59 -12.31
C PHE B 90 0.62 -13.11 -12.00
N PHE B 91 0.14 -12.96 -10.75
CA PHE B 91 -1.20 -13.49 -10.43
C PHE B 91 -1.97 -12.62 -9.46
N ILE B 92 -3.27 -12.83 -9.46
CA ILE B 92 -4.19 -12.10 -8.62
C ILE B 92 -5.03 -13.18 -7.96
N ALA B 93 -5.15 -13.15 -6.64
CA ALA B 93 -5.89 -14.20 -5.94
C ALA B 93 -6.51 -13.66 -4.65
N PRO B 94 -7.28 -14.52 -3.94
CA PRO B 94 -7.91 -14.08 -2.68
C PRO B 94 -6.76 -13.78 -1.73
N PRO B 95 -6.97 -12.84 -0.80
CA PRO B 95 -5.93 -12.43 0.15
C PRO B 95 -5.21 -13.48 0.98
N ASP B 96 -5.91 -14.57 1.29
CA ASP B 96 -5.35 -15.62 2.12
C ASP B 96 -4.65 -16.70 1.32
N THR B 97 -4.41 -16.45 0.04
CA THR B 97 -3.76 -17.47 -0.78
C THR B 97 -2.40 -17.94 -0.28
N THR B 98 -2.16 -19.25 -0.36
CA THR B 98 -0.89 -19.85 0.06
C THR B 98 -0.49 -20.88 -1.00
N ILE B 99 0.75 -21.35 -0.96
CA ILE B 99 1.19 -22.31 -1.95
C ILE B 99 0.43 -23.61 -1.74
N PRO B 100 -0.29 -24.09 -2.77
CA PRO B 100 -1.05 -25.34 -2.63
C PRO B 100 -0.12 -26.55 -2.51
N SER B 101 -0.50 -27.56 -1.74
CA SER B 101 0.32 -28.76 -1.59
CA SER B 101 0.32 -28.76 -1.60
C SER B 101 0.48 -29.41 -2.97
N GLY B 102 1.71 -29.75 -3.32
CA GLY B 102 1.97 -30.38 -4.61
C GLY B 102 1.87 -29.51 -5.84
N SER B 103 1.90 -28.19 -5.67
CA SER B 103 1.79 -27.27 -6.81
C SER B 103 3.12 -26.98 -7.50
N GLY B 104 4.12 -27.82 -7.29
CA GLY B 104 5.41 -27.60 -7.90
C GLY B 104 5.45 -27.84 -9.40
N GLY B 105 6.63 -27.68 -9.96
CA GLY B 105 6.83 -27.90 -11.39
C GLY B 105 5.91 -27.15 -12.32
N GLY B 106 5.29 -27.89 -13.22
CA GLY B 106 4.41 -27.30 -14.21
C GLY B 106 3.18 -26.62 -13.64
N LEU B 107 2.89 -26.80 -12.36
CA LEU B 107 1.72 -26.14 -11.80
C LEU B 107 2.06 -24.73 -11.32
N LEU B 108 3.34 -24.37 -11.42
CA LEU B 108 3.84 -23.03 -11.14
C LEU B 108 3.58 -22.44 -9.77
N GLY B 109 3.28 -23.31 -8.80
CA GLY B 109 3.01 -22.86 -7.45
C GLY B 109 1.64 -22.22 -7.32
N LEU B 110 0.81 -22.38 -8.33
CA LEU B 110 -0.52 -21.79 -8.34
C LEU B 110 -1.69 -22.74 -8.16
N PHE B 111 -1.51 -23.98 -8.61
CA PHE B 111 -2.60 -24.96 -8.55
C PHE B 111 -2.23 -26.29 -7.88
N ALA B 112 -3.23 -26.93 -7.28
CA ALA B 112 -3.06 -28.24 -6.66
C ALA B 112 -3.32 -29.23 -7.79
N PRO B 113 -2.55 -30.33 -7.84
CA PRO B 113 -2.72 -31.33 -8.90
C PRO B 113 -4.14 -31.79 -9.16
N GLY B 114 -4.86 -32.11 -8.09
CA GLY B 114 -6.20 -32.63 -8.23
C GLY B 114 -7.24 -31.73 -8.84
N THR B 115 -7.03 -30.41 -8.74
CA THR B 115 -8.01 -29.47 -9.26
C THR B 115 -7.44 -28.47 -10.25
N ALA B 116 -6.22 -28.72 -10.73
CA ALA B 116 -5.53 -27.82 -11.64
C ALA B 116 -6.29 -27.43 -12.88
N GLN B 117 -7.17 -28.30 -13.36
CA GLN B 117 -7.93 -27.97 -14.56
C GLN B 117 -9.43 -27.86 -14.28
N ASN B 118 -9.77 -27.73 -13.01
CA ASN B 118 -11.17 -27.61 -12.62
C ASN B 118 -11.46 -26.13 -12.35
N THR B 119 -12.07 -25.46 -13.31
CA THR B 119 -12.34 -24.03 -13.14
C THR B 119 -13.25 -23.65 -11.99
N SER B 120 -14.20 -24.51 -11.63
CA SER B 120 -15.10 -24.19 -10.53
CA SER B 120 -15.10 -24.21 -10.53
C SER B 120 -14.42 -24.44 -9.19
N ALA B 121 -13.18 -24.89 -9.22
CA ALA B 121 -12.46 -25.16 -7.96
C ALA B 121 -11.38 -24.15 -7.57
N ASN B 122 -11.13 -23.18 -8.42
CA ASN B 122 -10.07 -22.20 -8.16
C ASN B 122 -10.55 -20.76 -8.29
N GLN B 123 -9.75 -19.84 -7.75
CA GLN B 123 -10.03 -18.42 -7.86
C GLN B 123 -8.69 -17.75 -8.11
N VAL B 124 -8.31 -17.65 -9.38
CA VAL B 124 -7.01 -17.03 -9.71
C VAL B 124 -6.98 -16.59 -11.15
N ILE B 125 -6.40 -15.42 -11.39
CA ILE B 125 -6.19 -14.95 -12.74
C ILE B 125 -4.67 -14.80 -12.76
N ALA B 126 -4.02 -15.38 -13.77
CA ALA B 126 -2.57 -15.26 -13.83
C ALA B 126 -2.09 -15.11 -15.26
N VAL B 127 -0.94 -14.47 -15.42
CA VAL B 127 -0.33 -14.32 -16.73
C VAL B 127 0.97 -15.11 -16.56
N GLU B 128 1.10 -16.22 -17.30
CA GLU B 128 2.27 -17.07 -17.18
C GLU B 128 3.26 -16.94 -18.35
N PHE B 129 4.54 -17.13 -18.04
CA PHE B 129 5.62 -17.11 -19.02
C PHE B 129 6.15 -18.51 -18.74
N ASP B 130 5.73 -19.42 -19.63
CA ASP B 130 5.93 -20.85 -19.43
C ASP B 130 6.99 -21.40 -20.38
N THR B 131 8.10 -21.90 -19.82
CA THR B 131 9.19 -22.34 -20.68
C THR B 131 9.30 -23.84 -20.84
N PHE B 132 8.45 -24.60 -20.16
CA PHE B 132 8.59 -26.06 -20.23
C PHE B 132 7.26 -26.63 -20.66
N TYR B 133 7.27 -27.38 -21.76
CA TYR B 133 6.02 -27.85 -22.34
C TYR B 133 6.01 -29.31 -22.77
N ALA B 134 6.87 -30.12 -22.18
CA ALA B 134 6.94 -31.56 -22.52
C ALA B 134 5.52 -32.12 -22.48
N GLN B 135 5.08 -32.64 -23.61
CA GLN B 135 3.73 -33.17 -23.74
C GLN B 135 3.38 -34.37 -22.85
N ASP B 136 4.36 -35.04 -22.29
CA ASP B 136 4.07 -36.18 -21.44
C ASP B 136 3.79 -35.79 -19.99
N SER B 137 4.30 -34.65 -19.56
CA SER B 137 4.08 -34.21 -18.18
CA SER B 137 4.09 -34.20 -18.19
C SER B 137 3.22 -32.95 -18.13
N ASN B 138 3.45 -32.03 -19.05
CA ASN B 138 2.67 -30.80 -19.08
C ASN B 138 1.66 -30.98 -20.22
N THR B 139 0.76 -31.95 -20.04
CA THR B 139 -0.22 -32.29 -21.06
C THR B 139 -1.16 -31.20 -21.54
N TRP B 140 -1.41 -30.23 -20.68
CA TRP B 140 -2.30 -29.11 -20.98
C TRP B 140 -1.66 -28.03 -21.85
N ASP B 141 -0.33 -28.05 -21.97
CA ASP B 141 0.37 -27.01 -22.75
C ASP B 141 0.48 -27.21 -24.23
N PRO B 142 0.65 -26.10 -24.97
CA PRO B 142 0.84 -26.14 -26.41
C PRO B 142 2.29 -26.64 -26.49
N ASN B 143 2.73 -27.13 -27.64
CA ASN B 143 4.08 -27.67 -27.73
C ASN B 143 5.18 -26.68 -28.09
N TYR B 144 5.32 -25.63 -27.28
CA TYR B 144 6.35 -24.62 -27.47
C TYR B 144 6.25 -23.65 -26.29
N PRO B 145 7.32 -22.89 -26.02
CA PRO B 145 7.30 -21.92 -24.92
C PRO B 145 6.22 -20.88 -25.27
N HIS B 146 5.54 -20.36 -24.25
CA HIS B 146 4.45 -19.47 -24.52
C HIS B 146 4.11 -18.54 -23.38
N ILE B 147 3.34 -17.50 -23.72
CA ILE B 147 2.79 -16.60 -22.70
C ILE B 147 1.35 -17.06 -22.67
N GLY B 148 0.82 -17.25 -21.46
CA GLY B 148 -0.58 -17.70 -21.36
C GLY B 148 -1.37 -16.88 -20.38
N ILE B 149 -2.68 -16.80 -20.61
CA ILE B 149 -3.56 -16.11 -19.66
C ILE B 149 -4.31 -17.26 -19.02
N ASP B 150 -4.20 -17.34 -17.70
CA ASP B 150 -4.83 -18.42 -16.94
C ASP B 150 -5.99 -17.91 -16.09
N VAL B 151 -7.17 -18.51 -16.26
CA VAL B 151 -8.32 -18.09 -15.46
C VAL B 151 -8.89 -19.34 -14.81
N ASN B 152 -8.54 -19.56 -13.54
CA ASN B 152 -8.99 -20.69 -12.74
C ASN B 152 -8.52 -22.05 -13.22
N SER B 153 -7.50 -22.07 -14.09
CA SER B 153 -6.98 -23.35 -14.57
C SER B 153 -5.57 -23.20 -15.13
N ILE B 154 -4.77 -24.25 -15.00
CA ILE B 154 -3.40 -24.24 -15.55
C ILE B 154 -3.48 -24.40 -17.08
N ARG B 155 -4.61 -24.87 -17.60
CA ARG B 155 -4.74 -24.95 -19.05
C ARG B 155 -5.22 -23.55 -19.43
N SER B 156 -4.31 -22.74 -19.99
CA SER B 156 -4.59 -21.36 -20.38
C SER B 156 -5.80 -21.15 -21.28
N VAL B 157 -6.54 -20.06 -21.04
CA VAL B 157 -7.70 -19.77 -21.88
C VAL B 157 -7.16 -19.34 -23.22
N LYS B 158 -5.89 -18.91 -23.21
CA LYS B 158 -5.22 -18.64 -24.45
C LYS B 158 -3.72 -18.45 -24.29
N THR B 159 -3.00 -18.81 -25.34
CA THR B 159 -1.56 -18.68 -25.33
C THR B 159 -1.09 -18.09 -26.64
N VAL B 160 0.12 -17.55 -26.64
CA VAL B 160 0.74 -17.04 -27.86
C VAL B 160 2.17 -17.54 -27.77
N LYS B 161 2.78 -17.79 -28.93
CA LYS B 161 4.14 -18.30 -28.97
C LYS B 161 5.10 -17.25 -28.42
N TRP B 162 6.08 -17.72 -27.65
CA TRP B 162 7.03 -16.81 -27.03
C TRP B 162 8.43 -17.40 -27.12
N ASP B 163 9.45 -16.56 -27.14
CA ASP B 163 10.82 -17.05 -27.21
CA ASP B 163 10.81 -17.05 -27.21
C ASP B 163 11.50 -16.80 -25.87
N ARG B 164 12.09 -17.85 -25.30
CA ARG B 164 12.81 -17.74 -24.03
C ARG B 164 14.24 -17.30 -24.41
N ARG B 165 14.76 -16.25 -23.77
CA ARG B 165 16.12 -15.77 -24.08
C ARG B 165 16.87 -15.77 -22.77
N ASP B 166 17.86 -16.64 -22.66
CA ASP B 166 18.61 -16.80 -21.42
C ASP B 166 19.32 -15.54 -21.00
N GLY B 167 19.08 -15.15 -19.75
CA GLY B 167 19.72 -13.96 -19.18
C GLY B 167 19.29 -12.60 -19.68
N GLN B 168 18.28 -12.53 -20.54
CA GLN B 168 17.82 -11.24 -21.07
CA GLN B 168 17.81 -11.24 -21.06
C GLN B 168 16.53 -10.82 -20.37
N SER B 169 16.44 -9.56 -19.97
CA SER B 169 15.23 -9.11 -19.29
CA SER B 169 15.22 -9.13 -19.29
C SER B 169 14.04 -8.91 -20.22
N LEU B 170 12.86 -9.32 -19.76
CA LEU B 170 11.64 -9.14 -20.54
C LEU B 170 10.85 -8.08 -19.77
N ASN B 171 10.40 -7.04 -20.46
CA ASN B 171 9.56 -6.02 -19.80
C ASN B 171 8.13 -6.33 -20.17
N VAL B 172 7.25 -6.31 -19.17
CA VAL B 172 5.86 -6.69 -19.38
C VAL B 172 4.92 -5.65 -18.82
N LEU B 173 3.85 -5.36 -19.57
CA LEU B 173 2.82 -4.45 -19.06
C LEU B 173 1.50 -5.25 -19.12
N VAL B 174 0.82 -5.40 -18.00
CA VAL B 174 -0.49 -6.11 -17.96
C VAL B 174 -1.50 -5.03 -17.56
N THR B 175 -2.59 -4.88 -18.31
CA THR B 175 -3.57 -3.88 -17.96
C THR B 175 -4.94 -4.47 -18.06
N PHE B 176 -5.85 -3.90 -17.29
CA PHE B 176 -7.25 -4.36 -17.32
C PHE B 176 -8.09 -3.11 -17.40
N ASN B 177 -8.98 -3.08 -18.39
CA ASN B 177 -9.84 -1.92 -18.62
C ASN B 177 -11.25 -2.43 -18.30
N PRO B 178 -11.86 -1.95 -17.20
CA PRO B 178 -13.20 -2.40 -16.83
C PRO B 178 -14.32 -2.05 -17.80
N SER B 179 -14.09 -1.04 -18.63
CA SER B 179 -15.07 -0.60 -19.61
C SER B 179 -15.28 -1.67 -20.69
N THR B 180 -14.18 -2.24 -21.16
CA THR B 180 -14.21 -3.27 -22.21
C THR B 180 -14.02 -4.68 -21.64
N ARG B 181 -13.60 -4.74 -20.37
CA ARG B 181 -13.30 -5.99 -19.67
C ARG B 181 -12.12 -6.69 -20.35
N ASN B 182 -11.28 -5.93 -21.05
CA ASN B 182 -10.12 -6.56 -21.69
C ASN B 182 -8.90 -6.62 -20.76
N LEU B 183 -8.29 -7.79 -20.67
CA LEU B 183 -7.04 -7.96 -19.89
C LEU B 183 -6.01 -8.02 -21.04
N ASP B 184 -5.13 -7.02 -21.11
CA ASP B 184 -4.12 -6.96 -22.17
C ASP B 184 -2.73 -7.22 -21.63
N VAL B 185 -1.94 -7.93 -22.42
CA VAL B 185 -0.56 -8.20 -22.04
C VAL B 185 0.36 -7.82 -23.20
N VAL B 186 1.37 -7.02 -22.90
CA VAL B 186 2.36 -6.64 -23.92
CA VAL B 186 2.35 -6.65 -23.92
CA VAL B 186 2.36 -6.64 -23.92
C VAL B 186 3.72 -6.91 -23.30
N ALA B 187 4.56 -7.68 -23.98
CA ALA B 187 5.89 -7.96 -23.43
C ALA B 187 6.92 -7.66 -24.49
N THR B 188 8.07 -7.12 -24.08
CA THR B 188 9.11 -6.78 -25.05
CA THR B 188 9.10 -6.79 -25.05
C THR B 188 10.49 -7.12 -24.52
N TYR B 189 11.39 -7.45 -25.45
CA TYR B 189 12.80 -7.71 -25.14
C TYR B 189 13.45 -6.37 -25.53
N SER B 190 14.70 -6.14 -25.12
CA SER B 190 15.39 -4.89 -25.41
CA SER B 190 15.41 -4.90 -25.41
C SER B 190 15.69 -4.58 -26.88
N ASP B 191 15.57 -5.57 -27.76
CA ASP B 191 15.83 -5.32 -29.17
C ASP B 191 14.53 -4.97 -29.88
N GLY B 192 13.48 -4.79 -29.10
CA GLY B 192 12.19 -4.45 -29.67
C GLY B 192 11.25 -5.60 -30.03
N THR B 193 11.68 -6.84 -29.85
CA THR B 193 10.83 -7.99 -30.17
C THR B 193 9.62 -7.89 -29.24
N ARG B 194 8.42 -8.00 -29.79
CA ARG B 194 7.21 -7.79 -29.00
C ARG B 194 6.22 -8.95 -29.08
N TYR B 195 5.51 -9.20 -27.97
CA TYR B 195 4.49 -10.24 -27.90
C TYR B 195 3.26 -9.56 -27.29
N GLU B 196 2.08 -9.90 -27.79
CA GLU B 196 0.86 -9.28 -27.30
C GLU B 196 -0.25 -10.31 -27.26
N VAL B 197 -1.04 -10.30 -26.19
CA VAL B 197 -2.16 -11.23 -26.10
C VAL B 197 -3.24 -10.55 -25.26
N SER B 198 -4.51 -10.74 -25.60
CA SER B 198 -5.60 -10.10 -24.87
CA SER B 198 -5.60 -10.10 -24.86
C SER B 198 -6.75 -11.06 -24.66
N TYR B 199 -7.52 -10.86 -23.60
CA TYR B 199 -8.63 -11.72 -23.30
C TYR B 199 -9.73 -10.94 -22.59
N GLU B 200 -10.99 -11.23 -22.92
CA GLU B 200 -12.08 -10.52 -22.25
C GLU B 200 -12.53 -11.35 -21.07
N VAL B 201 -12.51 -10.77 -19.87
CA VAL B 201 -12.93 -11.50 -18.70
C VAL B 201 -13.57 -10.56 -17.69
N ASP B 202 -14.69 -10.98 -17.10
CA ASP B 202 -15.37 -10.17 -16.08
C ASP B 202 -14.73 -10.61 -14.77
N VAL B 203 -13.86 -9.79 -14.21
CA VAL B 203 -13.18 -10.20 -13.00
C VAL B 203 -14.15 -10.42 -11.84
N ARG B 204 -15.31 -9.78 -11.87
CA ARG B 204 -16.27 -9.92 -10.77
C ARG B 204 -16.81 -11.34 -10.65
N SER B 205 -16.77 -12.10 -11.73
CA SER B 205 -17.27 -13.46 -11.72
CA SER B 205 -17.27 -13.46 -11.69
C SER B 205 -16.21 -14.48 -11.29
N VAL B 206 -14.95 -14.05 -11.20
CA VAL B 206 -13.87 -14.98 -10.86
CA VAL B 206 -13.88 -14.97 -10.87
CA VAL B 206 -13.89 -14.98 -10.86
C VAL B 206 -13.19 -14.71 -9.53
N LEU B 207 -13.10 -13.44 -9.14
CA LEU B 207 -12.42 -13.10 -7.91
C LEU B 207 -13.26 -12.31 -6.90
N PRO B 208 -12.87 -12.37 -5.62
CA PRO B 208 -13.61 -11.64 -4.58
C PRO B 208 -13.30 -10.14 -4.72
N GLU B 209 -14.04 -9.31 -4.00
CA GLU B 209 -13.87 -7.86 -4.09
C GLU B 209 -12.48 -7.38 -3.70
N TRP B 210 -11.88 -8.02 -2.71
CA TRP B 210 -10.54 -7.66 -2.27
C TRP B 210 -9.60 -8.81 -2.59
N VAL B 211 -8.43 -8.48 -3.16
CA VAL B 211 -7.47 -9.52 -3.54
C VAL B 211 -6.05 -9.08 -3.20
N ARG B 212 -5.10 -10.00 -3.39
CA ARG B 212 -3.70 -9.64 -3.26
C ARG B 212 -3.08 -9.96 -4.62
N VAL B 213 -2.01 -9.23 -4.95
CA VAL B 213 -1.32 -9.41 -6.21
CA VAL B 213 -1.32 -9.42 -6.21
CA VAL B 213 -1.32 -9.42 -6.20
C VAL B 213 0.13 -9.79 -5.96
N GLY B 214 0.71 -10.59 -6.87
CA GLY B 214 2.08 -10.97 -6.67
C GLY B 214 2.59 -11.82 -7.82
N PHE B 215 3.67 -12.57 -7.53
CA PHE B 215 4.32 -13.42 -8.54
C PHE B 215 4.60 -14.79 -7.97
N SER B 216 4.65 -15.78 -8.85
CA SER B 216 4.92 -17.13 -8.43
C SER B 216 5.82 -17.77 -9.49
N ALA B 217 6.68 -18.71 -9.07
CA ALA B 217 7.53 -19.41 -10.02
C ALA B 217 7.84 -20.76 -9.41
N ALA B 218 8.25 -21.73 -10.24
CA ALA B 218 8.59 -23.03 -9.70
C ALA B 218 9.54 -23.73 -10.68
N SER B 219 10.22 -24.74 -10.18
CA SER B 219 11.11 -25.61 -11.00
C SER B 219 10.87 -27.02 -10.45
N GLY B 220 10.63 -27.98 -11.35
CA GLY B 220 10.42 -29.36 -10.94
C GLY B 220 11.75 -30.06 -11.16
N GLU B 221 11.80 -31.06 -12.03
CA GLU B 221 13.05 -31.75 -12.28
C GLU B 221 14.04 -30.93 -13.10
N GLN B 222 13.53 -30.03 -13.95
CA GLN B 222 14.42 -29.15 -14.72
C GLN B 222 14.32 -27.79 -14.00
N TYR B 223 15.28 -26.91 -14.22
CA TYR B 223 15.30 -25.69 -13.42
C TYR B 223 15.97 -24.52 -14.09
N GLN B 224 15.75 -23.34 -13.51
CA GLN B 224 16.31 -22.07 -14.00
C GLN B 224 15.99 -21.05 -12.92
N THR B 225 16.73 -19.95 -12.86
CA THR B 225 16.40 -18.90 -11.89
C THR B 225 15.19 -18.14 -12.47
N HIS B 226 14.40 -17.53 -11.59
CA HIS B 226 13.24 -16.74 -12.02
C HIS B 226 13.45 -15.47 -11.20
N THR B 227 14.09 -14.51 -11.83
CA THR B 227 14.48 -13.29 -11.15
C THR B 227 13.57 -12.09 -11.48
N LEU B 228 12.85 -11.60 -10.48
CA LEU B 228 11.98 -10.43 -10.69
C LEU B 228 12.84 -9.22 -10.37
N GLU B 229 13.02 -8.36 -11.36
CA GLU B 229 13.91 -7.20 -11.27
C GLU B 229 13.28 -5.88 -10.88
N SER B 230 12.02 -5.67 -11.24
CA SER B 230 11.34 -4.40 -10.92
C SER B 230 9.85 -4.64 -11.06
N TRP B 231 9.06 -3.79 -10.42
CA TRP B 231 7.60 -3.96 -10.47
C TRP B 231 6.88 -2.68 -10.04
N SER B 232 5.89 -2.25 -10.81
CA SER B 232 5.09 -1.09 -10.38
CA SER B 232 5.08 -1.08 -10.44
C SER B 232 3.64 -1.51 -10.62
N PHE B 233 2.76 -1.05 -9.74
CA PHE B 233 1.36 -1.44 -9.85
C PHE B 233 0.47 -0.28 -9.48
N THR B 234 -0.63 -0.14 -10.19
CA THR B 234 -1.56 0.91 -9.82
CA THR B 234 -1.57 0.94 -9.87
C THR B 234 -2.97 0.41 -10.10
N SER B 235 -3.89 0.77 -9.22
CA SER B 235 -5.28 0.37 -9.41
CA SER B 235 -5.28 0.34 -9.37
C SER B 235 -6.19 1.47 -8.89
N THR B 236 -7.30 1.70 -9.60
CA THR B 236 -8.27 2.70 -9.15
CA THR B 236 -8.26 2.72 -9.20
C THR B 236 -9.66 2.23 -9.53
N LEU B 237 -10.59 2.35 -8.58
CA LEU B 237 -11.97 1.91 -8.84
C LEU B 237 -12.68 2.91 -9.76
N LEU B 238 -13.36 2.38 -10.79
CA LEU B 238 -14.10 3.19 -11.75
C LEU B 238 -15.55 2.73 -11.95
N TYR B 239 -16.43 3.67 -12.27
CA TYR B 239 -17.84 3.33 -12.53
C TYR B 239 -17.92 2.64 -13.90
N THR B 240 -18.68 1.55 -13.98
CA THR B 240 -18.85 0.80 -15.24
C THR B 240 -20.32 0.77 -15.65
#